data_3B3X
#
_entry.id   3B3X
#
_cell.length_a   46.665
_cell.length_b   104.710
_cell.length_c   63.884
_cell.angle_alpha   90.000
_cell.angle_beta   93.960
_cell.angle_gamma   90.000
#
_symmetry.space_group_name_H-M   'P 1 21 1'
#
loop_
_entity.id
_entity.type
_entity.pdbx_description
1 polymer Beta-lactamase
2 non-polymer '2-(carboxymethyl)-D-aspartic acid'
3 water water
#
_entity_poly.entity_id   1
_entity_poly.type   'polypeptide(L)'
_entity_poly.pdbx_seq_one_letter_code
;KTEMKDDFAKLEEQFDAKLGIFALDTGTNRTVTYRPDERFAFASTIKALTVGVLLQQKSIEDLNQRITYTRDDLVNYNPI
TEKHVDTGMTLKELADASLRYSDNTAQNLILKQIGGPESLKKELRKIGDEVTNPERFEPELNEVNPGETQDTSTARALAT
SLQAFALEDKLPSEKRELLIDWMKRNTTGDALIRAGVPEGWEVADKTGAGSYGTRNDIAIIWPPKGDPVVLAVLSSRDKK
DAKYDDKLIAEATKVVVKALNMNGK
;
_entity_poly.pdbx_strand_id   A,B
#
# COMPACT_ATOMS: atom_id res chain seq x y z
N ASP A 6 -24.62 -9.59 3.68
CA ASP A 6 -24.52 -8.96 2.33
C ASP A 6 -24.05 -9.92 1.20
N ASP A 7 -23.41 -9.34 0.17
CA ASP A 7 -22.88 -10.07 -1.01
C ASP A 7 -21.98 -11.25 -0.66
N PHE A 8 -20.94 -11.04 0.17
CA PHE A 8 -20.01 -12.09 0.55
C PHE A 8 -20.67 -13.15 1.41
N ALA A 9 -21.37 -12.74 2.47
CA ALA A 9 -22.17 -13.68 3.28
C ALA A 9 -23.19 -14.50 2.49
N LYS A 10 -23.76 -13.95 1.43
CA LYS A 10 -24.59 -14.78 0.53
C LYS A 10 -23.77 -15.96 0.00
N LEU A 11 -22.57 -15.69 -0.49
CA LEU A 11 -21.68 -16.75 -0.98
C LEU A 11 -21.41 -17.75 0.13
N GLU A 12 -21.09 -17.22 1.31
CA GLU A 12 -20.78 -18.01 2.49
C GLU A 12 -21.84 -19.02 2.81
N GLU A 13 -23.09 -18.67 2.53
CA GLU A 13 -24.23 -19.54 2.80
C GLU A 13 -24.51 -20.34 1.54
N GLN A 14 -24.31 -19.74 0.36
CA GLN A 14 -24.53 -20.51 -0.88
C GLN A 14 -23.61 -21.72 -0.97
N PHE A 15 -22.35 -21.50 -0.58
CA PHE A 15 -21.32 -22.54 -0.66
C PHE A 15 -21.00 -23.18 0.68
N ASP A 16 -21.67 -22.76 1.75
CA ASP A 16 -21.46 -23.31 3.09
C ASP A 16 -20.00 -23.30 3.56
N ALA A 17 -19.35 -22.15 3.42
CA ALA A 17 -17.98 -22.02 3.78
C ALA A 17 -17.72 -20.65 4.33
N LYS A 18 -16.80 -20.54 5.31
CA LYS A 18 -16.30 -19.22 5.80
C LYS A 18 -15.32 -18.60 4.79
N LEU A 19 -15.47 -17.29 4.53
CA LEU A 19 -14.64 -16.61 3.52
C LEU A 19 -13.71 -15.57 4.07
N GLY A 20 -12.51 -15.52 3.52
CA GLY A 20 -11.52 -14.56 3.93
C GLY A 20 -11.04 -13.82 2.72
N ILE A 21 -11.31 -12.52 2.66
CA ILE A 21 -11.03 -11.72 1.49
C ILE A 21 -10.42 -10.44 1.94
N PHE A 22 -9.28 -10.11 1.37
CA PHE A 22 -8.78 -8.76 1.43
C PHE A 22 -8.36 -8.46 0.00
N ALA A 23 -8.44 -7.18 -0.39
CA ALA A 23 -7.93 -6.69 -1.66
C ALA A 23 -7.59 -5.18 -1.66
N LEU A 24 -6.48 -4.82 -2.30
CA LEU A 24 -5.96 -3.46 -2.30
C LEU A 24 -5.71 -3.02 -3.72
N ASP A 25 -6.47 -2.06 -4.18
CA ASP A 25 -6.18 -1.31 -5.40
C ASP A 25 -4.97 -0.39 -5.21
N THR A 26 -3.80 -0.85 -5.58
CA THR A 26 -2.52 -0.23 -5.22
C THR A 26 -2.30 1.13 -5.84
N GLY A 27 -3.33 1.63 -6.54
CA GLY A 27 -3.32 2.99 -7.08
C GLY A 27 -4.23 3.96 -6.32
N THR A 28 -5.23 3.41 -5.63
CA THR A 28 -6.17 4.25 -4.90
C THR A 28 -6.24 3.96 -3.37
N ASN A 29 -5.68 2.83 -2.96
CA ASN A 29 -5.86 2.33 -1.61
C ASN A 29 -7.30 2.13 -1.24
N ARG A 30 -8.19 2.10 -2.24
CA ARG A 30 -9.53 1.62 -1.96
C ARG A 30 -9.33 0.14 -1.68
N THR A 31 -10.11 -0.41 -0.76
CA THR A 31 -9.94 -1.82 -0.42
C THR A 31 -11.25 -2.61 -0.40
N VAL A 32 -11.22 -3.91 -0.63
CA VAL A 32 -12.37 -4.71 -0.25
C VAL A 32 -11.87 -5.57 0.86
N THR A 33 -12.61 -5.61 1.98
CA THR A 33 -12.32 -6.53 3.08
C THR A 33 -13.54 -7.39 3.49
N TYR A 34 -13.26 -8.59 3.99
CA TYR A 34 -14.28 -9.44 4.62
C TYR A 34 -13.65 -10.56 5.43
N ARG A 35 -13.87 -10.56 6.76
CA ARG A 35 -13.06 -11.33 7.73
C ARG A 35 -11.57 -11.22 7.40
N PRO A 36 -11.05 -9.99 7.20
CA PRO A 36 -9.77 -9.85 6.58
C PRO A 36 -8.62 -10.27 7.46
N ASP A 37 -8.91 -10.67 8.72
CA ASP A 37 -7.94 -10.92 9.82
C ASP A 37 -8.26 -12.24 10.56
N GLU A 38 -9.24 -12.98 10.05
CA GLU A 38 -9.45 -14.35 10.45
C GLU A 38 -8.37 -15.23 9.85
N ARG A 39 -8.03 -16.29 10.57
CA ARG A 39 -6.85 -17.07 10.24
C ARG A 39 -7.35 -18.27 9.53
N PHE A 40 -6.63 -18.63 8.45
CA PHE A 40 -6.93 -19.83 7.67
C PHE A 40 -5.66 -20.64 7.60
N ALA A 41 -5.80 -21.97 7.57
CA ALA A 41 -4.72 -22.80 7.07
C ALA A 41 -4.35 -22.28 5.68
N PHE A 42 -3.07 -22.01 5.42
CA PHE A 42 -2.71 -21.35 4.18
C PHE A 42 -2.42 -22.30 2.99
N ALA A 43 -2.15 -23.56 3.26
CA ALA A 43 -1.75 -24.50 2.19
C ALA A 43 -0.64 -24.01 1.21
N SER A 44 -0.75 -24.38 -0.08
CA SER A 44 0.37 -24.14 -0.99
C SER A 44 0.56 -22.67 -1.26
N THR A 45 -0.40 -21.82 -0.86
CA THR A 45 -0.22 -20.39 -1.11
C THR A 45 1.14 -19.94 -0.62
N ILE A 46 1.66 -20.66 0.39
CA ILE A 46 2.90 -20.34 1.06
C ILE A 46 4.09 -20.53 0.13
N LYS A 47 3.79 -21.31 -0.92
CA LYS A 47 4.72 -21.62 -1.97
C LYS A 47 5.27 -20.40 -2.69
N ALA A 48 4.40 -19.42 -2.96
CA ALA A 48 4.85 -18.15 -3.55
C ALA A 48 5.73 -17.35 -2.57
N LEU A 49 5.32 -17.27 -1.31
CA LEU A 49 6.16 -16.59 -0.30
C LEU A 49 7.48 -17.35 -0.13
N THR A 50 7.41 -18.69 -0.14
CA THR A 50 8.63 -19.47 -0.12
C THR A 50 9.63 -19.15 -1.27
N VAL A 51 9.10 -18.95 -2.49
CA VAL A 51 9.94 -18.52 -3.58
C VAL A 51 10.35 -17.05 -3.41
N GLY A 52 9.45 -16.21 -2.90
CA GLY A 52 9.86 -14.87 -2.50
C GLY A 52 11.13 -14.93 -1.64
N VAL A 53 11.14 -15.79 -0.64
CA VAL A 53 12.27 -15.80 0.32
C VAL A 53 13.55 -16.29 -0.37
N LEU A 54 13.47 -17.53 -0.89
CA LEU A 54 14.40 -18.03 -1.89
C LEU A 54 15.07 -16.98 -2.78
N LEU A 55 14.27 -16.14 -3.45
CA LEU A 55 14.84 -15.11 -4.34
C LEU A 55 15.53 -13.99 -3.58
N GLN A 56 15.00 -13.58 -2.40
CA GLN A 56 15.79 -12.76 -1.47
C GLN A 56 17.29 -13.20 -1.32
N GLN A 57 17.51 -14.48 -1.01
CA GLN A 57 18.85 -15.03 -0.72
C GLN A 57 19.71 -15.55 -1.91
N LYS A 58 19.09 -16.03 -2.98
CA LYS A 58 19.84 -16.62 -4.07
C LYS A 58 19.98 -15.72 -5.32
N SER A 59 21.16 -15.69 -5.92
CA SER A 59 21.31 -15.02 -7.20
C SER A 59 20.67 -15.86 -8.31
N ILE A 60 20.63 -15.31 -9.52
CA ILE A 60 20.07 -16.04 -10.65
C ILE A 60 20.94 -17.23 -11.04
N GLU A 61 22.26 -17.01 -11.14
CA GLU A 61 23.20 -18.12 -11.43
C GLU A 61 23.14 -19.20 -10.35
N ASP A 62 23.04 -18.75 -9.09
CA ASP A 62 22.66 -19.58 -7.94
C ASP A 62 21.50 -20.49 -8.27
N LEU A 63 20.50 -20.00 -9.01
CA LEU A 63 19.33 -20.83 -9.33
C LEU A 63 19.66 -22.01 -10.30
N ASN A 64 20.83 -21.95 -10.96
CA ASN A 64 21.30 -23.07 -11.78
C ASN A 64 21.83 -24.32 -11.05
N GLN A 65 21.90 -24.31 -9.72
CA GLN A 65 22.55 -25.38 -8.97
C GLN A 65 21.69 -26.64 -9.06
N ARG A 66 22.30 -27.81 -9.20
CA ARG A 66 21.52 -29.04 -9.29
C ARG A 66 21.23 -29.65 -7.94
N ILE A 67 19.96 -29.70 -7.56
CA ILE A 67 19.61 -30.45 -6.35
C ILE A 67 19.25 -31.86 -6.75
N THR A 68 19.88 -32.84 -6.11
CA THR A 68 19.48 -34.22 -6.25
C THR A 68 18.70 -34.63 -5.04
N TYR A 69 17.97 -35.72 -5.17
CA TYR A 69 17.10 -36.25 -4.14
C TYR A 69 16.83 -37.74 -4.44
N THR A 70 16.10 -38.42 -3.56
CA THR A 70 15.84 -39.85 -3.75
C THR A 70 14.38 -40.13 -3.62
N ARG A 71 13.92 -41.27 -4.12
CA ARG A 71 12.52 -41.68 -3.98
C ARG A 71 11.97 -41.56 -2.55
N ASP A 72 12.84 -41.27 -1.58
CA ASP A 72 12.50 -41.11 -0.17
C ASP A 72 12.21 -39.67 0.15
N ASP A 73 12.99 -38.77 -0.45
CA ASP A 73 12.76 -37.33 -0.38
C ASP A 73 11.37 -36.92 -0.95
N LEU A 74 10.62 -37.88 -1.50
CA LEU A 74 9.39 -37.58 -2.22
C LEU A 74 8.16 -37.74 -1.35
N VAL A 75 7.23 -36.77 -1.38
CA VAL A 75 5.95 -36.92 -0.62
C VAL A 75 4.70 -37.46 -1.36
N ASN A 76 3.57 -36.75 -1.27
CA ASN A 76 2.28 -37.31 -1.64
C ASN A 76 1.60 -36.57 -2.77
N TYR A 77 2.39 -35.78 -3.50
CA TYR A 77 1.90 -35.03 -4.66
C TYR A 77 3.08 -34.27 -5.23
N ASN A 78 3.90 -34.97 -6.01
CA ASN A 78 5.05 -34.33 -6.70
C ASN A 78 5.05 -34.59 -8.20
N PRO A 79 4.18 -33.86 -8.93
CA PRO A 79 3.87 -34.02 -10.36
C PRO A 79 5.04 -33.81 -11.31
N ILE A 80 6.00 -32.96 -10.94
CA ILE A 80 7.26 -32.84 -11.70
C ILE A 80 8.47 -33.58 -11.09
N THR A 81 8.65 -33.53 -9.76
CA THR A 81 9.82 -34.04 -9.07
C THR A 81 9.90 -35.57 -9.04
N GLU A 82 8.77 -36.24 -9.20
CA GLU A 82 8.76 -37.70 -9.25
C GLU A 82 9.38 -38.24 -10.56
N LYS A 83 9.47 -37.35 -11.55
CA LYS A 83 9.88 -37.69 -12.89
C LYS A 83 11.35 -37.38 -13.12
N HIS A 84 12.03 -36.83 -12.10
CA HIS A 84 13.45 -36.45 -12.24
C HIS A 84 14.34 -36.90 -11.05
N VAL A 85 13.90 -37.96 -10.35
CA VAL A 85 14.62 -38.54 -9.20
C VAL A 85 16.03 -38.99 -9.55
N ASP A 86 16.18 -39.48 -10.78
CA ASP A 86 17.44 -40.08 -11.17
C ASP A 86 18.38 -39.07 -11.82
N THR A 87 17.90 -37.85 -12.10
CA THR A 87 18.78 -36.82 -12.67
C THR A 87 18.86 -35.49 -11.87
N GLY A 88 18.00 -35.34 -10.85
CA GLY A 88 17.94 -34.11 -10.07
C GLY A 88 17.38 -32.98 -10.90
N MET A 89 17.14 -31.83 -10.28
CA MET A 89 16.55 -30.65 -10.94
C MET A 89 17.34 -29.45 -10.42
N THR A 90 17.53 -28.39 -11.22
CA THR A 90 18.05 -27.11 -10.67
C THR A 90 17.03 -26.43 -9.75
N LEU A 91 17.51 -25.46 -8.97
CA LEU A 91 16.57 -24.75 -8.09
C LEU A 91 15.53 -24.03 -8.94
N LYS A 92 15.94 -23.56 -10.13
CA LYS A 92 15.05 -22.81 -11.03
C LYS A 92 13.92 -23.69 -11.47
N GLU A 93 14.27 -24.95 -11.71
CA GLU A 93 13.30 -25.91 -12.17
C GLU A 93 12.32 -26.32 -11.05
N LEU A 94 12.78 -26.27 -9.81
CA LEU A 94 11.99 -26.60 -8.62
C LEU A 94 11.10 -25.44 -8.20
N ALA A 95 11.58 -24.21 -8.36
CA ALA A 95 10.70 -23.02 -8.20
C ALA A 95 9.47 -23.08 -9.10
N ASP A 96 9.74 -23.05 -10.42
CA ASP A 96 8.77 -23.35 -11.47
C ASP A 96 7.73 -24.45 -11.13
N ALA A 97 8.22 -25.67 -11.01
CA ALA A 97 7.41 -26.81 -10.55
C ALA A 97 6.62 -26.51 -9.24
N SER A 98 7.32 -25.92 -8.27
CA SER A 98 6.64 -25.40 -7.08
C SER A 98 5.45 -24.50 -7.41
N LEU A 99 5.74 -23.39 -8.09
CA LEU A 99 4.75 -22.34 -8.38
C LEU A 99 3.65 -22.70 -9.39
N ARG A 100 4.06 -23.20 -10.58
CA ARG A 100 3.13 -23.55 -11.68
C ARG A 100 2.30 -24.82 -11.49
N TYR A 101 2.88 -25.81 -10.79
CA TYR A 101 2.18 -27.10 -10.53
C TYR A 101 1.90 -27.42 -9.06
N SER A 102 2.34 -26.53 -8.16
CA SER A 102 2.07 -26.71 -6.73
C SER A 102 2.79 -27.98 -6.29
N ASP A 103 3.99 -28.19 -6.85
CA ASP A 103 4.81 -29.42 -6.56
C ASP A 103 5.38 -29.46 -5.13
N ASN A 104 4.88 -30.38 -4.31
CA ASN A 104 5.26 -30.49 -2.89
C ASN A 104 6.72 -30.72 -2.58
N THR A 105 7.29 -31.73 -3.23
CA THR A 105 8.71 -32.01 -3.06
C THR A 105 9.51 -30.77 -3.41
N ALA A 106 9.15 -30.13 -4.52
CA ALA A 106 9.87 -28.92 -4.91
C ALA A 106 9.84 -27.92 -3.76
N GLN A 107 8.69 -27.81 -3.09
CA GLN A 107 8.55 -26.90 -1.95
C GLN A 107 9.51 -27.35 -0.87
N ASN A 108 9.37 -28.62 -0.45
CA ASN A 108 10.26 -29.24 0.57
C ASN A 108 11.76 -29.11 0.36
N LEU A 109 12.20 -29.05 -0.89
CA LEU A 109 13.65 -28.86 -1.21
C LEU A 109 14.02 -27.42 -1.26
N ILE A 110 13.06 -26.58 -1.65
CA ILE A 110 13.25 -25.16 -1.59
C ILE A 110 13.15 -24.71 -0.11
N LEU A 111 12.05 -25.03 0.56
CA LEU A 111 11.93 -24.77 1.96
C LEU A 111 13.27 -25.12 2.65
N LYS A 112 13.88 -26.23 2.23
CA LYS A 112 15.10 -26.73 2.85
C LYS A 112 16.30 -25.86 2.50
N GLN A 113 16.33 -25.28 1.30
CA GLN A 113 17.42 -24.37 0.90
C GLN A 113 17.39 -23.01 1.61
N ILE A 114 16.29 -22.68 2.28
CA ILE A 114 16.21 -21.36 2.98
C ILE A 114 16.33 -21.43 4.53
N GLY A 115 16.29 -22.65 5.08
CA GLY A 115 16.54 -22.86 6.48
C GLY A 115 15.40 -23.52 7.19
N GLY A 116 14.39 -23.90 6.43
CA GLY A 116 13.27 -24.66 6.96
C GLY A 116 12.19 -23.73 7.42
N PRO A 117 11.07 -24.27 7.90
CA PRO A 117 9.98 -23.41 8.27
C PRO A 117 10.40 -22.21 9.15
N GLU A 118 11.26 -22.42 10.13
CA GLU A 118 11.52 -21.35 11.07
C GLU A 118 12.33 -20.22 10.47
N SER A 119 13.15 -20.47 9.44
CA SER A 119 13.81 -19.33 8.76
C SER A 119 12.81 -18.69 7.79
N LEU A 120 11.80 -19.45 7.36
CA LEU A 120 10.70 -18.86 6.59
C LEU A 120 9.84 -17.89 7.44
N LYS A 121 9.57 -18.23 8.71
CA LYS A 121 8.95 -17.25 9.64
C LYS A 121 9.76 -15.95 9.77
N LYS A 122 10.99 -16.05 10.25
CA LYS A 122 11.88 -14.89 10.45
C LYS A 122 12.06 -13.92 9.29
N GLU A 123 12.15 -14.44 8.06
CA GLU A 123 12.20 -13.53 6.91
C GLU A 123 10.86 -12.79 6.72
N LEU A 124 9.75 -13.51 6.97
CA LEU A 124 8.42 -12.92 6.92
C LEU A 124 8.17 -11.97 8.11
N ARG A 125 8.66 -12.30 9.31
CA ARG A 125 8.76 -11.25 10.34
C ARG A 125 9.58 -10.02 9.83
N LYS A 126 10.75 -10.24 9.20
CA LYS A 126 11.60 -9.14 8.78
C LYS A 126 10.91 -8.16 7.85
N ILE A 127 10.11 -8.67 6.92
CA ILE A 127 9.48 -7.75 5.96
C ILE A 127 8.30 -7.06 6.61
N GLY A 128 7.68 -7.74 7.57
CA GLY A 128 6.65 -7.13 8.38
C GLY A 128 5.41 -7.98 8.47
N ASP A 129 5.56 -9.29 8.28
CA ASP A 129 4.46 -10.22 8.35
C ASP A 129 4.44 -10.87 9.72
N GLU A 130 3.77 -10.21 10.64
CA GLU A 130 3.63 -10.70 11.98
C GLU A 130 2.49 -11.72 12.10
N VAL A 131 1.86 -12.11 10.99
CA VAL A 131 0.75 -13.06 11.08
C VAL A 131 1.05 -14.50 10.68
N THR A 132 1.67 -14.64 9.50
CA THR A 132 1.92 -15.94 8.82
C THR A 132 2.83 -16.81 9.63
N ASN A 133 2.48 -18.06 9.84
CA ASN A 133 3.19 -18.88 10.82
C ASN A 133 3.57 -20.27 10.30
N PRO A 134 4.69 -20.36 9.52
CA PRO A 134 5.21 -21.60 8.97
C PRO A 134 5.66 -22.52 10.10
N GLU A 135 5.42 -23.82 10.00
CA GLU A 135 5.97 -24.72 11.01
C GLU A 135 6.51 -26.05 10.43
N ARG A 136 5.87 -26.54 9.38
CA ARG A 136 6.09 -27.89 8.84
C ARG A 136 6.42 -27.87 7.35
N PHE A 137 6.74 -29.03 6.79
CA PHE A 137 6.97 -29.13 5.38
C PHE A 137 5.73 -29.78 4.82
N GLU A 138 5.68 -29.96 3.49
CA GLU A 138 4.57 -30.59 2.80
C GLU A 138 4.67 -32.10 2.90
N PRO A 139 3.51 -32.80 3.08
CA PRO A 139 2.13 -32.29 3.23
C PRO A 139 1.61 -32.07 4.67
N GLU A 140 2.47 -32.06 5.70
CA GLU A 140 1.92 -32.02 7.08
C GLU A 140 1.43 -30.63 7.44
N LEU A 141 2.08 -29.60 6.89
CA LEU A 141 1.48 -28.24 7.00
C LEU A 141 -0.06 -28.15 6.81
N ASN A 142 -0.66 -29.00 5.99
CA ASN A 142 -2.12 -28.94 5.77
C ASN A 142 -3.00 -29.50 6.96
N GLU A 143 -2.38 -30.33 7.81
CA GLU A 143 -3.01 -30.90 9.03
C GLU A 143 -3.22 -29.86 10.15
N VAL A 144 -4.12 -28.90 9.89
CA VAL A 144 -4.45 -27.86 10.86
C VAL A 144 -5.93 -27.92 11.30
N ASN A 145 -6.15 -28.15 12.60
CA ASN A 145 -7.46 -28.13 13.23
C ASN A 145 -7.84 -26.69 13.62
N PRO A 146 -9.14 -26.45 13.91
CA PRO A 146 -9.53 -25.07 14.19
C PRO A 146 -9.00 -24.65 15.56
N GLY A 147 -8.83 -23.35 15.77
CA GLY A 147 -8.08 -22.90 16.94
C GLY A 147 -6.59 -22.80 16.65
N GLU A 148 -6.06 -23.80 15.93
CA GLU A 148 -4.62 -23.90 15.69
C GLU A 148 -4.12 -22.69 14.89
N THR A 149 -2.92 -22.24 15.23
CA THR A 149 -2.23 -21.14 14.54
C THR A 149 -0.92 -21.63 13.87
N GLN A 150 -0.63 -22.91 14.03
CA GLN A 150 0.40 -23.57 13.29
C GLN A 150 0.01 -23.55 11.81
N ASP A 151 0.90 -23.02 10.96
CA ASP A 151 0.71 -23.09 9.52
C ASP A 151 -0.48 -22.29 8.95
N THR A 152 -0.94 -21.29 9.74
CA THR A 152 -1.99 -20.36 9.32
C THR A 152 -1.46 -18.95 9.05
N SER A 153 -2.22 -18.20 8.27
CA SER A 153 -2.04 -16.76 8.13
C SER A 153 -3.41 -16.22 7.80
N THR A 154 -3.49 -14.96 7.37
CA THR A 154 -4.76 -14.35 6.95
C THR A 154 -4.70 -13.72 5.55
N ALA A 155 -5.90 -13.45 5.03
CA ALA A 155 -6.08 -12.62 3.84
C ALA A 155 -5.24 -11.32 3.79
N ARG A 156 -5.21 -10.54 4.87
CA ARG A 156 -4.51 -9.25 4.88
C ARG A 156 -3.02 -9.48 4.80
N ALA A 157 -2.61 -10.56 5.43
CA ALA A 157 -1.21 -10.89 5.66
C ALA A 157 -0.63 -11.64 4.46
N LEU A 158 -1.35 -12.63 3.94
CA LEU A 158 -0.84 -13.34 2.73
C LEU A 158 -0.69 -12.38 1.56
N ALA A 159 -1.73 -11.57 1.40
CA ALA A 159 -1.83 -10.53 0.36
C ALA A 159 -0.71 -9.50 0.47
N THR A 160 -0.44 -9.08 1.69
CA THR A 160 0.51 -7.98 1.94
C THR A 160 1.91 -8.47 1.60
N SER A 161 2.16 -9.68 2.13
CA SER A 161 3.33 -10.44 1.90
C SER A 161 3.52 -10.68 0.38
N LEU A 162 2.55 -11.25 -0.32
CA LEU A 162 2.64 -11.35 -1.80
C LEU A 162 3.05 -10.03 -2.50
N GLN A 163 2.39 -8.94 -2.09
CA GLN A 163 2.69 -7.60 -2.55
C GLN A 163 4.15 -7.26 -2.32
N ALA A 164 4.61 -7.50 -1.08
CA ALA A 164 5.97 -7.13 -0.68
C ALA A 164 6.97 -7.71 -1.70
N PHE A 165 6.85 -9.00 -1.94
CA PHE A 165 7.74 -9.66 -2.88
C PHE A 165 7.56 -9.25 -4.36
N ALA A 166 6.31 -9.21 -4.85
CA ALA A 166 6.02 -9.05 -6.29
C ALA A 166 6.07 -7.63 -6.78
N LEU A 167 5.84 -6.67 -5.86
CA LEU A 167 5.66 -5.28 -6.22
C LEU A 167 6.54 -4.31 -5.46
N GLU A 168 6.89 -4.63 -4.21
CA GLU A 168 7.53 -3.62 -3.37
C GLU A 168 9.02 -3.57 -3.61
N ASP A 169 9.80 -3.33 -2.54
CA ASP A 169 11.27 -3.20 -2.62
C ASP A 169 12.00 -4.39 -2.00
N LYS A 170 11.24 -5.41 -1.63
CA LYS A 170 11.81 -6.61 -1.02
C LYS A 170 12.65 -7.53 -1.94
N LEU A 171 12.58 -7.30 -3.25
CA LEU A 171 13.36 -8.00 -4.30
C LEU A 171 13.72 -6.94 -5.34
N PRO A 172 14.83 -7.10 -6.10
CA PRO A 172 14.98 -6.17 -7.25
C PRO A 172 14.01 -6.44 -8.44
N SER A 173 13.99 -5.55 -9.41
CA SER A 173 13.02 -5.67 -10.51
C SER A 173 13.14 -6.94 -11.33
N GLU A 174 14.36 -7.37 -11.69
CA GLU A 174 14.54 -8.62 -12.44
C GLU A 174 13.94 -9.81 -11.71
N LYS A 175 14.07 -9.82 -10.38
CA LYS A 175 13.53 -10.92 -9.57
C LYS A 175 12.02 -10.86 -9.38
N ARG A 176 11.48 -9.63 -9.29
CA ARG A 176 10.04 -9.37 -9.39
C ARG A 176 9.50 -10.01 -10.64
N GLU A 177 9.96 -9.52 -11.79
CA GLU A 177 9.55 -10.01 -13.13
C GLU A 177 9.51 -11.54 -13.22
N LEU A 178 10.54 -12.17 -12.64
CA LEU A 178 10.75 -13.63 -12.60
C LEU A 178 9.71 -14.36 -11.73
N LEU A 179 9.45 -13.82 -10.54
CA LEU A 179 8.39 -14.31 -9.66
C LEU A 179 7.03 -14.14 -10.31
N ILE A 180 6.78 -12.91 -10.75
CA ILE A 180 5.61 -12.57 -11.53
C ILE A 180 5.43 -13.54 -12.72
N ASP A 181 6.38 -13.61 -13.66
CA ASP A 181 6.27 -14.60 -14.77
C ASP A 181 5.91 -16.07 -14.37
N TRP A 182 6.61 -16.63 -13.38
CA TRP A 182 6.27 -17.95 -12.88
C TRP A 182 4.82 -17.94 -12.45
N MET A 183 4.36 -16.81 -11.86
CA MET A 183 3.02 -16.74 -11.25
C MET A 183 1.96 -16.48 -12.31
N LYS A 184 2.32 -15.65 -13.30
CA LYS A 184 1.44 -15.48 -14.50
C LYS A 184 1.08 -16.81 -15.20
N ARG A 185 2.00 -17.78 -15.16
CA ARG A 185 1.81 -19.04 -15.91
C ARG A 185 1.47 -20.25 -15.04
N ASN A 186 0.89 -20.00 -13.87
CA ASN A 186 0.39 -21.10 -13.01
C ASN A 186 -0.60 -21.96 -13.80
N THR A 187 -0.56 -23.28 -13.61
CA THR A 187 -1.48 -24.16 -14.36
C THR A 187 -2.74 -24.50 -13.56
N THR A 188 -2.80 -24.07 -12.30
CA THR A 188 -3.64 -24.72 -11.32
C THR A 188 -4.82 -23.92 -10.84
N GLY A 189 -4.95 -22.67 -11.30
CA GLY A 189 -6.08 -21.83 -10.94
C GLY A 189 -6.88 -21.12 -12.00
N ASP A 190 -7.17 -21.80 -13.11
CA ASP A 190 -8.05 -21.25 -14.16
C ASP A 190 -9.48 -21.08 -13.69
N ALA A 191 -9.86 -21.82 -12.65
CA ALA A 191 -11.25 -21.87 -12.17
C ALA A 191 -11.53 -20.99 -10.93
N LEU A 192 -10.56 -20.20 -10.51
CA LEU A 192 -10.67 -19.41 -9.27
C LEU A 192 -10.45 -17.92 -9.61
N ILE A 193 -9.42 -17.29 -9.06
CA ILE A 193 -9.31 -15.86 -9.32
C ILE A 193 -9.39 -15.61 -10.81
N ARG A 194 -8.59 -16.32 -11.61
CA ARG A 194 -8.67 -16.26 -13.10
C ARG A 194 -10.10 -16.23 -13.60
N ALA A 195 -10.93 -17.13 -13.11
CA ALA A 195 -12.34 -17.27 -13.55
C ALA A 195 -13.27 -16.18 -13.11
N GLY A 196 -12.78 -15.19 -12.38
CA GLY A 196 -13.66 -14.19 -11.77
C GLY A 196 -13.39 -12.75 -12.15
N VAL A 197 -12.51 -12.57 -13.13
CA VAL A 197 -12.14 -11.23 -13.56
C VAL A 197 -12.47 -11.06 -15.04
N PRO A 198 -12.71 -9.80 -15.48
CA PRO A 198 -13.14 -9.58 -16.85
C PRO A 198 -12.03 -9.94 -17.84
N GLU A 199 -12.42 -10.17 -19.10
CA GLU A 199 -11.48 -10.48 -20.18
C GLU A 199 -10.36 -9.43 -20.26
N GLY A 200 -9.15 -9.86 -20.63
CA GLY A 200 -7.98 -8.94 -20.73
C GLY A 200 -7.33 -8.46 -19.40
N TRP A 201 -7.82 -8.96 -18.28
CA TRP A 201 -7.16 -8.71 -17.00
C TRP A 201 -6.11 -9.79 -16.79
N GLU A 202 -4.84 -9.38 -16.74
CA GLU A 202 -3.72 -10.26 -16.45
C GLU A 202 -3.77 -10.71 -14.97
N VAL A 203 -3.53 -11.99 -14.73
CA VAL A 203 -3.54 -12.56 -13.38
C VAL A 203 -2.23 -13.34 -13.17
N ALA A 204 -1.60 -13.16 -12.02
CA ALA A 204 -0.57 -14.07 -11.55
C ALA A 204 -1.01 -14.46 -10.17
N ASP A 205 -1.21 -15.74 -9.92
CA ASP A 205 -2.01 -16.14 -8.76
C ASP A 205 -1.33 -17.34 -8.22
N LYS A 206 -1.62 -17.78 -6.98
CA LYS A 206 -1.09 -19.12 -6.49
C LYS A 206 -1.99 -19.94 -5.56
N THR A 207 -2.89 -20.73 -6.11
CA THR A 207 -3.84 -21.54 -5.35
C THR A 207 -3.33 -22.29 -4.10
N GLY A 208 -4.27 -22.89 -3.40
CA GLY A 208 -3.99 -23.87 -2.37
C GLY A 208 -5.26 -24.52 -1.90
N ALA A 209 -5.08 -25.62 -1.18
CA ALA A 209 -6.14 -26.47 -0.70
C ALA A 209 -5.53 -27.24 0.44
N GLY A 210 -6.22 -27.27 1.59
CA GLY A 210 -5.87 -28.08 2.77
C GLY A 210 -7.06 -28.84 3.36
N SER A 211 -7.00 -29.25 4.63
CA SER A 211 -8.15 -29.94 5.22
C SER A 211 -9.13 -28.94 5.83
N TYR A 212 -10.30 -29.47 6.20
CA TYR A 212 -11.51 -28.67 6.45
C TYR A 212 -12.00 -27.98 5.19
N GLY A 213 -11.74 -28.59 4.04
CA GLY A 213 -12.14 -28.03 2.77
C GLY A 213 -11.50 -26.68 2.46
N THR A 214 -10.29 -26.45 2.93
CA THR A 214 -9.66 -25.17 2.67
C THR A 214 -9.36 -25.03 1.21
N ARG A 215 -9.71 -23.86 0.66
CA ARG A 215 -9.44 -23.47 -0.72
C ARG A 215 -9.12 -21.99 -0.76
N ASN A 216 -7.84 -21.70 -1.03
CA ASN A 216 -7.32 -20.35 -1.03
C ASN A 216 -6.86 -19.97 -2.41
N ASP A 217 -6.74 -18.66 -2.70
CA ASP A 217 -6.00 -18.23 -3.88
C ASP A 217 -5.50 -16.83 -3.67
N ILE A 218 -4.24 -16.58 -4.01
CA ILE A 218 -3.64 -15.24 -3.87
C ILE A 218 -3.01 -14.85 -5.17
N ALA A 219 -3.06 -13.58 -5.47
CA ALA A 219 -2.83 -13.08 -6.79
C ALA A 219 -2.58 -11.57 -6.73
N ILE A 220 -1.90 -11.10 -7.79
CA ILE A 220 -1.80 -9.71 -8.19
C ILE A 220 -2.63 -9.85 -9.43
N ILE A 221 -3.52 -8.89 -9.68
CA ILE A 221 -4.30 -8.93 -10.89
C ILE A 221 -4.35 -7.55 -11.46
N TRP A 222 -4.17 -7.45 -12.78
CA TRP A 222 -3.91 -6.19 -13.46
C TRP A 222 -4.98 -5.95 -14.53
N PRO A 223 -5.76 -4.85 -14.41
CA PRO A 223 -6.69 -4.42 -15.46
C PRO A 223 -5.95 -3.96 -16.73
N PRO A 224 -6.69 -3.77 -17.84
CA PRO A 224 -6.07 -3.37 -19.12
C PRO A 224 -5.28 -2.07 -19.01
N LYS A 225 -5.90 -1.04 -18.45
CA LYS A 225 -5.21 0.18 -17.96
C LYS A 225 -5.48 0.37 -16.45
N GLY A 226 -4.42 0.76 -15.72
CA GLY A 226 -4.56 1.01 -14.28
C GLY A 226 -3.71 0.14 -13.38
N ASP A 227 -3.56 0.58 -12.13
CA ASP A 227 -2.57 0.00 -11.25
C ASP A 227 -2.97 -1.43 -10.77
N PRO A 228 -1.97 -2.27 -10.46
CA PRO A 228 -2.27 -3.66 -10.03
C PRO A 228 -3.10 -3.79 -8.72
N VAL A 229 -3.90 -4.84 -8.66
CA VAL A 229 -4.77 -5.06 -7.50
C VAL A 229 -4.28 -6.33 -6.77
N VAL A 230 -4.03 -6.25 -5.46
CA VAL A 230 -3.48 -7.38 -4.70
C VAL A 230 -4.65 -8.11 -4.05
N LEU A 231 -4.59 -9.44 -3.99
CA LEU A 231 -5.80 -10.24 -3.80
C LEU A 231 -5.62 -11.59 -3.11
N ALA A 232 -5.97 -11.67 -1.83
CA ALA A 232 -6.13 -12.99 -1.23
C ALA A 232 -7.63 -13.33 -1.11
N VAL A 233 -8.00 -14.54 -1.50
CA VAL A 233 -9.32 -15.06 -1.23
C VAL A 233 -9.06 -16.39 -0.53
N LEU A 234 -9.31 -16.47 0.77
CA LEU A 234 -9.20 -17.73 1.49
C LEU A 234 -10.59 -18.27 1.87
N SER A 235 -10.66 -19.56 2.11
CA SER A 235 -11.92 -20.20 2.43
C SER A 235 -11.60 -21.42 3.25
N SER A 236 -12.52 -21.79 4.12
CA SER A 236 -12.55 -23.07 4.78
C SER A 236 -14.00 -23.43 5.08
N ARG A 237 -14.21 -24.61 5.63
CA ARG A 237 -15.53 -25.14 5.86
C ARG A 237 -15.49 -25.82 7.25
N ASP A 238 -16.63 -26.28 7.74
CA ASP A 238 -16.63 -26.76 9.08
C ASP A 238 -16.33 -28.25 9.26
N LYS A 239 -16.60 -29.06 8.23
CA LYS A 239 -16.32 -30.50 8.36
C LYS A 239 -14.94 -30.80 7.82
N LYS A 240 -14.28 -31.79 8.40
CA LYS A 240 -12.87 -32.02 8.13
C LYS A 240 -12.56 -32.69 6.78
N ASP A 241 -13.46 -33.56 6.31
CA ASP A 241 -13.22 -34.27 5.03
C ASP A 241 -13.90 -33.57 3.86
N ALA A 242 -14.32 -32.32 4.08
CA ALA A 242 -15.14 -31.53 3.15
C ALA A 242 -14.45 -31.23 1.82
N LYS A 243 -15.20 -31.37 0.74
CA LYS A 243 -14.69 -31.04 -0.59
C LYS A 243 -14.84 -29.53 -0.76
N TYR A 244 -14.02 -28.92 -1.60
CA TYR A 244 -14.22 -27.50 -1.87
C TYR A 244 -15.00 -27.33 -3.18
N ASP A 245 -15.44 -26.10 -3.45
CA ASP A 245 -15.88 -25.67 -4.78
C ASP A 245 -15.14 -24.39 -5.25
N ASP A 246 -14.49 -24.46 -6.44
CA ASP A 246 -13.77 -23.32 -7.00
C ASP A 246 -14.74 -22.28 -7.50
N LYS A 247 -16.01 -22.63 -7.63
CA LYS A 247 -16.99 -21.60 -7.90
C LYS A 247 -17.02 -20.52 -6.76
N LEU A 248 -16.88 -20.92 -5.49
CA LEU A 248 -16.79 -19.95 -4.38
C LEU A 248 -15.74 -18.87 -4.58
N ILE A 249 -14.47 -19.27 -4.84
CA ILE A 249 -13.37 -18.30 -4.97
C ILE A 249 -13.54 -17.36 -6.16
N ALA A 250 -14.12 -17.88 -7.25
CA ALA A 250 -14.30 -17.08 -8.44
C ALA A 250 -15.47 -16.11 -8.32
N GLU A 251 -16.60 -16.55 -7.75
CA GLU A 251 -17.75 -15.66 -7.53
C GLU A 251 -17.39 -14.50 -6.57
N ALA A 252 -16.65 -14.81 -5.49
CA ALA A 252 -16.09 -13.84 -4.54
C ALA A 252 -15.22 -12.76 -5.19
N THR A 253 -14.41 -13.19 -6.17
CA THR A 253 -13.56 -12.28 -6.93
C THR A 253 -14.44 -11.34 -7.74
N LYS A 254 -15.52 -11.89 -8.26
CA LYS A 254 -16.44 -11.08 -9.03
C LYS A 254 -16.88 -9.96 -8.12
N VAL A 255 -17.32 -10.30 -6.90
CA VAL A 255 -17.65 -9.22 -5.93
C VAL A 255 -16.52 -8.18 -5.72
N VAL A 256 -15.28 -8.61 -5.48
CA VAL A 256 -14.16 -7.68 -5.41
C VAL A 256 -14.08 -6.75 -6.65
N VAL A 257 -14.10 -7.33 -7.86
CA VAL A 257 -13.90 -6.50 -9.04
C VAL A 257 -15.00 -5.46 -9.18
N LYS A 258 -16.24 -5.85 -8.86
CA LYS A 258 -17.39 -4.96 -8.93
C LYS A 258 -17.24 -3.87 -7.85
N ALA A 259 -17.08 -4.28 -6.59
CA ALA A 259 -16.92 -3.32 -5.50
C ALA A 259 -15.82 -2.34 -5.87
N LEU A 260 -14.70 -2.87 -6.37
CA LEU A 260 -13.52 -2.05 -6.65
C LEU A 260 -13.73 -1.09 -7.80
N ASP B 6 -18.86 6.05 17.30
CA ASP B 6 -17.38 6.05 17.51
C ASP B 6 -16.77 7.43 17.87
N ASP B 7 -15.46 7.45 18.13
CA ASP B 7 -14.77 8.59 18.72
C ASP B 7 -14.59 9.76 17.77
N PHE B 8 -14.74 9.50 16.46
CA PHE B 8 -14.57 10.49 15.39
C PHE B 8 -15.81 11.36 15.23
N ALA B 9 -16.95 10.68 15.25
CA ALA B 9 -18.26 11.30 15.34
C ALA B 9 -18.37 12.23 16.57
N LYS B 10 -18.00 11.74 17.76
CA LYS B 10 -17.93 12.60 18.94
C LYS B 10 -17.15 13.88 18.61
N LEU B 11 -15.86 13.74 18.20
CA LEU B 11 -15.00 14.92 17.97
C LEU B 11 -15.64 15.95 17.04
N GLU B 12 -16.31 15.47 15.99
CA GLU B 12 -17.11 16.34 15.13
C GLU B 12 -18.24 17.13 15.88
N GLU B 13 -19.00 16.47 16.76
CA GLU B 13 -19.93 17.21 17.59
C GLU B 13 -19.11 18.16 18.48
N GLN B 14 -18.43 17.61 19.48
CA GLN B 14 -17.59 18.42 20.33
C GLN B 14 -17.00 19.66 19.64
N PHE B 15 -16.45 19.54 18.43
CA PHE B 15 -15.87 20.74 17.77
C PHE B 15 -16.69 21.45 16.70
N ASP B 16 -17.93 20.99 16.47
CA ASP B 16 -18.82 21.57 15.45
C ASP B 16 -18.11 21.65 14.09
N ALA B 17 -17.60 20.50 13.64
CA ALA B 17 -16.72 20.47 12.47
C ALA B 17 -16.83 19.13 11.70
N LYS B 18 -16.39 19.13 10.45
CA LYS B 18 -16.38 17.88 9.65
C LYS B 18 -14.96 17.40 9.46
N LEU B 19 -14.75 16.10 9.74
CA LEU B 19 -13.46 15.45 9.67
C LEU B 19 -13.36 14.44 8.56
N GLY B 20 -12.18 14.38 7.91
CA GLY B 20 -11.77 13.28 6.98
C GLY B 20 -10.44 12.57 7.35
N ILE B 21 -10.47 11.25 7.48
CA ILE B 21 -9.25 10.52 7.88
C ILE B 21 -8.99 9.38 6.90
N PHE B 22 -7.73 9.24 6.47
CA PHE B 22 -7.20 7.98 5.97
C PHE B 22 -5.79 7.78 6.55
N ALA B 23 -5.55 6.65 7.20
CA ALA B 23 -4.20 6.23 7.58
C ALA B 23 -3.96 4.82 7.09
N LEU B 24 -2.72 4.51 6.76
CA LEU B 24 -2.38 3.20 6.24
C LEU B 24 -1.15 2.60 6.89
N ASP B 25 -1.29 1.48 7.58
CA ASP B 25 -0.06 0.90 8.08
C ASP B 25 0.44 0.29 6.80
N THR B 26 1.54 0.84 6.27
CA THR B 26 2.10 0.31 5.01
C THR B 26 2.66 -1.10 5.21
N GLY B 27 2.99 -1.44 6.47
CA GLY B 27 3.55 -2.72 6.82
C GLY B 27 2.53 -3.81 7.07
N THR B 28 1.27 -3.42 7.31
CA THR B 28 0.17 -4.40 7.45
C THR B 28 -1.02 -4.20 6.49
N ASN B 29 -1.05 -3.06 5.79
CA ASN B 29 -2.27 -2.63 5.09
C ASN B 29 -3.45 -2.68 6.07
N ARG B 30 -3.18 -2.31 7.31
CA ARG B 30 -4.24 -1.96 8.25
C ARG B 30 -4.54 -0.50 7.94
N THR B 31 -5.84 -0.20 7.77
CA THR B 31 -6.32 1.16 7.50
C THR B 31 -7.16 1.75 8.63
N VAL B 32 -7.37 3.06 8.57
CA VAL B 32 -8.28 3.74 9.46
C VAL B 32 -8.96 4.83 8.64
N THR B 33 -10.27 4.66 8.52
CA THR B 33 -11.02 5.50 7.61
C THR B 33 -12.13 6.20 8.37
N TYR B 34 -12.42 7.43 7.92
CA TYR B 34 -13.56 8.19 8.44
C TYR B 34 -13.84 9.33 7.47
N ARG B 35 -14.95 9.21 6.73
CA ARG B 35 -15.27 10.01 5.51
C ARG B 35 -14.10 10.09 4.54
N PRO B 36 -13.54 8.94 4.14
CA PRO B 36 -12.25 8.90 3.43
C PRO B 36 -12.26 9.47 2.00
N ASP B 37 -13.47 9.63 1.44
CA ASP B 37 -13.76 10.11 0.07
C ASP B 37 -14.61 11.37 -0.06
N GLU B 38 -14.74 12.08 1.05
CA GLU B 38 -15.38 13.35 1.03
C GLU B 38 -14.39 14.43 0.74
N ARG B 39 -14.89 15.47 0.10
CA ARG B 39 -14.03 16.47 -0.48
C ARG B 39 -13.84 17.58 0.51
N PHE B 40 -12.61 18.04 0.62
CA PHE B 40 -12.30 19.20 1.43
C PHE B 40 -11.35 19.95 0.59
N ALA B 41 -11.43 21.25 0.63
CA ALA B 41 -10.41 22.08 0.02
C ALA B 41 -9.04 21.67 0.58
N PHE B 42 -8.12 21.19 -0.25
CA PHE B 42 -6.85 20.65 0.29
C PHE B 42 -5.95 21.71 0.95
N ALA B 43 -6.06 22.92 0.49
CA ALA B 43 -5.29 24.03 0.97
C ALA B 43 -3.80 23.85 0.78
N SER B 44 -3.01 24.27 1.78
CA SER B 44 -1.57 24.29 1.62
C SER B 44 -0.97 22.90 1.55
N THR B 45 -1.81 21.88 1.70
CA THR B 45 -1.27 20.54 1.73
C THR B 45 -0.93 20.06 0.35
N ILE B 46 -1.50 20.74 -0.65
CA ILE B 46 -1.17 20.51 -2.04
C ILE B 46 0.30 20.87 -2.24
N LYS B 47 0.88 21.58 -1.27
CA LYS B 47 2.30 21.96 -1.38
C LYS B 47 3.29 20.80 -1.39
N ALA B 48 3.01 19.74 -0.64
CA ALA B 48 3.93 18.62 -0.62
C ALA B 48 3.91 17.92 -1.97
N LEU B 49 2.70 17.76 -2.50
CA LEU B 49 2.50 17.05 -3.75
C LEU B 49 3.05 17.86 -4.88
N THR B 50 3.08 19.17 -4.70
CA THR B 50 3.67 20.03 -5.72
C THR B 50 5.18 19.76 -5.83
N VAL B 51 5.88 19.87 -4.70
CA VAL B 51 7.27 19.52 -4.63
C VAL B 51 7.39 18.06 -5.08
N GLY B 52 6.29 17.32 -4.95
CA GLY B 52 6.23 15.92 -5.38
C GLY B 52 6.53 15.81 -6.85
N VAL B 53 6.08 16.79 -7.62
CA VAL B 53 6.20 16.74 -9.08
C VAL B 53 7.40 17.53 -9.58
N LEU B 54 7.82 18.52 -8.78
CA LEU B 54 9.07 19.20 -9.02
C LEU B 54 10.19 18.17 -8.98
N LEU B 55 10.39 17.53 -7.84
CA LEU B 55 11.42 16.50 -7.68
C LEU B 55 11.38 15.47 -8.82
N GLN B 56 10.17 15.20 -9.29
CA GLN B 56 9.95 14.31 -10.44
C GLN B 56 10.46 14.85 -11.81
N GLN B 57 10.74 16.16 -11.90
CA GLN B 57 11.26 16.80 -13.11
C GLN B 57 12.72 17.27 -13.07
N LYS B 58 13.39 17.08 -11.93
CA LYS B 58 14.73 17.64 -11.72
C LYS B 58 15.56 16.77 -10.75
N SER B 59 16.73 16.35 -11.23
CA SER B 59 17.76 15.70 -10.40
C SER B 59 18.18 16.56 -9.18
N ILE B 60 18.83 15.95 -8.19
CA ILE B 60 19.31 16.70 -7.02
C ILE B 60 20.23 17.79 -7.53
N GLU B 61 21.09 17.39 -8.46
CA GLU B 61 21.93 18.29 -9.23
C GLU B 61 21.10 19.42 -9.84
N ASP B 62 19.99 19.06 -10.47
CA ASP B 62 19.14 19.99 -11.20
C ASP B 62 18.46 21.11 -10.38
N LEU B 63 18.23 20.86 -9.07
CA LEU B 63 17.39 21.74 -8.25
C LEU B 63 18.08 22.98 -7.70
N ASN B 64 19.18 23.40 -8.33
CA ASN B 64 19.93 24.62 -7.93
C ASN B 64 19.68 25.83 -8.84
N GLN B 65 18.65 25.72 -9.67
CA GLN B 65 18.34 26.71 -10.67
C GLN B 65 18.19 28.09 -10.05
N ARG B 66 18.97 29.01 -10.57
CA ARG B 66 18.79 30.43 -10.39
C ARG B 66 17.37 30.71 -10.83
N ILE B 67 16.52 31.10 -9.87
CA ILE B 67 15.17 31.58 -10.19
C ILE B 67 14.86 32.87 -9.42
N THR B 68 14.39 33.88 -10.16
CA THR B 68 14.22 35.25 -9.66
C THR B 68 12.74 35.68 -9.62
N TYR B 69 12.48 36.78 -8.94
CA TYR B 69 11.13 37.22 -8.67
C TYR B 69 11.20 38.56 -7.98
N THR B 70 10.25 39.47 -8.25
CA THR B 70 10.24 40.77 -7.55
C THR B 70 9.02 41.00 -6.66
N ARG B 71 9.00 42.17 -6.03
CA ARG B 71 7.98 42.60 -5.07
C ARG B 71 6.54 42.26 -5.47
N ASP B 72 6.27 42.36 -6.76
CA ASP B 72 4.93 42.15 -7.30
C ASP B 72 4.54 40.68 -7.30
N ASP B 73 5.53 39.82 -7.50
CA ASP B 73 5.34 38.35 -7.51
C ASP B 73 4.94 37.78 -6.14
N LEU B 74 5.30 38.49 -5.08
CA LEU B 74 4.95 38.09 -3.72
C LEU B 74 3.43 38.11 -3.63
N VAL B 75 2.88 37.39 -2.66
CA VAL B 75 1.44 37.40 -2.41
C VAL B 75 1.16 37.69 -0.93
N ASN B 76 0.33 36.89 -0.25
CA ASN B 76 -0.32 37.36 0.99
C ASN B 76 0.30 36.92 2.33
N TYR B 77 1.48 36.32 2.27
CA TYR B 77 2.09 35.66 3.41
C TYR B 77 3.37 35.04 2.86
N ASN B 78 4.50 35.71 3.12
CA ASN B 78 5.77 35.35 2.50
C ASN B 78 6.94 35.29 3.48
N PRO B 79 6.90 34.36 4.44
CA PRO B 79 7.86 34.45 5.54
C PRO B 79 9.33 34.31 5.09
N ILE B 80 9.58 33.63 3.98
CA ILE B 80 10.96 33.39 3.53
C ILE B 80 11.31 34.19 2.27
N THR B 81 10.40 34.17 1.30
CA THR B 81 10.60 34.85 0.02
C THR B 81 10.75 36.36 0.17
N GLU B 82 10.22 36.91 1.26
CA GLU B 82 10.32 38.34 1.57
C GLU B 82 11.72 38.80 2.00
N LYS B 83 12.61 37.84 2.25
CA LYS B 83 13.97 38.13 2.70
C LYS B 83 14.93 38.14 1.51
N HIS B 84 14.48 37.56 0.40
CA HIS B 84 15.33 37.25 -0.73
C HIS B 84 14.75 37.72 -2.07
N VAL B 85 14.34 38.97 -2.12
CA VAL B 85 13.99 39.63 -3.38
C VAL B 85 15.18 39.61 -4.36
N ASP B 86 16.08 40.59 -4.17
CA ASP B 86 17.31 40.75 -4.94
C ASP B 86 18.18 39.52 -4.82
N THR B 87 18.32 39.01 -3.59
CA THR B 87 19.02 37.77 -3.31
C THR B 87 18.70 36.66 -4.31
N GLY B 88 17.42 36.37 -4.51
CA GLY B 88 16.99 35.23 -5.31
C GLY B 88 17.10 33.95 -4.50
N MET B 89 16.22 33.00 -4.77
CA MET B 89 16.22 31.71 -4.10
C MET B 89 16.19 30.59 -5.15
N THR B 90 16.94 29.50 -4.92
CA THR B 90 16.95 28.35 -5.85
C THR B 90 15.79 27.42 -5.56
N LEU B 91 15.44 26.58 -6.52
CA LEU B 91 14.36 25.63 -6.32
C LEU B 91 14.41 25.02 -4.92
N LYS B 92 15.51 24.34 -4.59
CA LYS B 92 15.73 23.76 -3.25
C LYS B 92 15.17 24.64 -2.14
N GLU B 93 15.52 25.90 -2.18
CA GLU B 93 15.25 26.77 -1.07
C GLU B 93 13.79 27.17 -1.04
N LEU B 94 13.18 27.28 -2.23
CA LEU B 94 11.70 27.47 -2.38
C LEU B 94 10.95 26.22 -1.91
N ALA B 95 11.36 25.06 -2.42
CA ALA B 95 10.85 23.79 -1.93
C ALA B 95 11.02 23.71 -0.44
N ASP B 96 12.07 24.31 0.08
CA ASP B 96 12.26 24.31 1.51
C ASP B 96 11.22 25.23 2.18
N ALA B 97 10.95 26.35 1.51
CA ALA B 97 10.15 27.41 2.06
C ALA B 97 8.67 27.03 1.95
N SER B 98 8.29 26.52 0.78
CA SER B 98 6.94 26.04 0.56
C SER B 98 6.65 25.03 1.64
N LEU B 99 7.54 24.06 1.76
CA LEU B 99 7.36 22.93 2.66
C LEU B 99 7.55 23.23 4.17
N ARG B 100 8.58 23.98 4.54
CA ARG B 100 8.88 24.24 5.95
C ARG B 100 8.00 25.32 6.60
N TYR B 101 7.65 26.36 5.84
CA TYR B 101 6.94 27.49 6.41
C TYR B 101 5.59 27.87 5.78
N SER B 102 5.02 26.95 4.99
CA SER B 102 3.78 27.19 4.22
C SER B 102 3.85 28.50 3.45
N ASP B 103 5.02 28.77 2.85
CA ASP B 103 5.26 30.01 2.09
C ASP B 103 4.38 29.98 0.86
N ASN B 104 3.45 30.94 0.76
CA ASN B 104 2.56 31.03 -0.40
C ASN B 104 3.23 31.34 -1.74
N THR B 105 4.29 32.14 -1.69
CA THR B 105 4.99 32.58 -2.87
C THR B 105 5.93 31.53 -3.46
N ALA B 106 6.54 30.74 -2.60
CA ALA B 106 7.37 29.64 -3.04
C ALA B 106 6.50 28.68 -3.86
N GLN B 107 5.38 28.27 -3.26
CA GLN B 107 4.37 27.43 -3.90
C GLN B 107 4.02 27.93 -5.30
N ASN B 108 3.74 29.23 -5.41
CA ASN B 108 3.44 29.88 -6.67
C ASN B 108 4.61 29.82 -7.64
N LEU B 109 5.80 30.24 -7.19
CA LEU B 109 6.96 30.27 -8.08
C LEU B 109 7.31 28.87 -8.50
N ILE B 110 7.30 27.94 -7.53
CA ILE B 110 7.51 26.54 -7.85
C ILE B 110 6.50 26.05 -8.89
N LEU B 111 5.21 26.33 -8.66
CA LEU B 111 4.11 25.94 -9.52
C LEU B 111 4.32 26.36 -10.98
N LYS B 112 4.82 27.57 -11.20
CA LYS B 112 5.24 27.99 -12.56
C LYS B 112 6.29 27.08 -13.17
N GLN B 113 7.33 26.78 -12.39
CA GLN B 113 8.32 25.82 -12.84
C GLN B 113 7.68 24.58 -13.44
N ILE B 114 6.81 23.95 -12.67
CA ILE B 114 6.16 22.70 -13.06
C ILE B 114 5.05 22.89 -14.09
N GLY B 115 4.74 24.17 -14.39
CA GLY B 115 3.85 24.53 -15.52
C GLY B 115 2.39 24.84 -15.23
N GLY B 116 2.09 25.19 -13.97
CA GLY B 116 0.73 25.61 -13.58
C GLY B 116 -0.09 24.48 -13.00
N PRO B 117 -1.33 24.76 -12.57
CA PRO B 117 -2.12 23.75 -11.86
C PRO B 117 -2.64 22.62 -12.75
N GLU B 118 -2.72 22.86 -14.06
CA GLU B 118 -3.16 21.86 -15.06
C GLU B 118 -2.17 20.72 -15.22
N SER B 119 -0.91 21.10 -15.41
CA SER B 119 0.22 20.18 -15.42
C SER B 119 0.26 19.37 -14.13
N LEU B 120 0.32 20.05 -12.98
CA LEU B 120 0.20 19.40 -11.67
C LEU B 120 -0.93 18.39 -11.68
N LYS B 121 -2.09 18.81 -12.17
CA LYS B 121 -3.26 17.95 -12.27
C LYS B 121 -2.94 16.75 -13.17
N LYS B 122 -2.50 17.01 -14.40
CA LYS B 122 -2.19 15.93 -15.34
C LYS B 122 -1.07 14.97 -14.82
N GLU B 123 -0.16 15.50 -13.99
CA GLU B 123 0.88 14.68 -13.37
C GLU B 123 0.32 13.83 -12.25
N LEU B 124 -0.60 14.44 -11.51
CA LEU B 124 -1.33 13.78 -10.46
C LEU B 124 -2.24 12.75 -11.11
N ARG B 125 -2.75 13.07 -12.28
CA ARG B 125 -3.50 12.10 -13.07
C ARG B 125 -2.68 10.83 -13.40
N LYS B 126 -1.41 11.05 -13.70
CA LYS B 126 -0.49 10.00 -14.18
C LYS B 126 -0.05 8.94 -13.16
N ILE B 127 0.26 9.37 -11.93
CA ILE B 127 0.62 8.45 -10.84
C ILE B 127 -0.59 7.69 -10.34
N GLY B 128 -1.78 8.21 -10.58
CA GLY B 128 -2.99 7.48 -10.20
C GLY B 128 -3.97 8.21 -9.32
N ASP B 129 -3.81 9.52 -9.18
CA ASP B 129 -4.75 10.36 -8.48
C ASP B 129 -5.71 10.97 -9.47
N GLU B 130 -6.91 10.40 -9.52
CA GLU B 130 -8.01 10.91 -10.30
C GLU B 130 -8.87 11.90 -9.51
N VAL B 131 -8.51 12.14 -8.26
CA VAL B 131 -9.29 12.97 -7.35
C VAL B 131 -8.81 14.42 -7.15
N THR B 132 -7.51 14.63 -6.87
CA THR B 132 -7.01 15.96 -6.49
C THR B 132 -7.20 16.96 -7.62
N ASN B 133 -7.85 18.07 -7.33
CA ASN B 133 -8.25 18.94 -8.42
C ASN B 133 -7.68 20.35 -8.48
N PRO B 134 -6.35 20.47 -8.70
CA PRO B 134 -5.71 21.79 -8.57
C PRO B 134 -6.07 22.69 -9.74
N GLU B 135 -6.48 23.92 -9.44
CA GLU B 135 -6.91 24.89 -10.49
C GLU B 135 -6.22 26.25 -10.38
N ARG B 136 -5.80 26.62 -9.17
CA ARG B 136 -5.41 28.01 -8.88
C ARG B 136 -4.12 28.15 -8.06
N PHE B 137 -3.50 29.33 -8.11
CA PHE B 137 -2.34 29.64 -7.26
C PHE B 137 -2.80 30.07 -5.86
N GLU B 138 -1.83 30.34 -4.98
CA GLU B 138 -2.10 30.82 -3.61
C GLU B 138 -2.22 32.35 -3.66
N PRO B 139 -3.10 32.97 -2.84
CA PRO B 139 -4.00 32.50 -1.80
C PRO B 139 -5.37 32.12 -2.30
N GLU B 140 -5.69 32.56 -3.52
CA GLU B 140 -7.01 32.32 -4.11
C GLU B 140 -7.46 30.88 -4.01
N LEU B 141 -6.55 29.92 -4.25
CA LEU B 141 -6.91 28.48 -4.10
C LEU B 141 -7.68 28.10 -2.82
N ASN B 142 -7.63 28.93 -1.77
CA ASN B 142 -8.36 28.62 -0.53
C ASN B 142 -9.85 29.04 -0.66
N GLU B 143 -10.11 29.92 -1.64
CA GLU B 143 -11.47 30.36 -2.07
C GLU B 143 -12.36 29.19 -2.50
N VAL B 144 -12.80 28.34 -1.56
CA VAL B 144 -13.62 27.18 -1.92
C VAL B 144 -14.94 27.14 -1.17
N ASN B 145 -16.04 27.13 -1.90
CA ASN B 145 -17.38 27.04 -1.33
C ASN B 145 -17.82 25.59 -1.32
N PRO B 146 -18.88 25.28 -0.54
CA PRO B 146 -19.14 23.88 -0.26
C PRO B 146 -19.76 23.23 -1.47
N GLY B 147 -19.32 22.03 -1.81
CA GLY B 147 -19.84 21.33 -2.99
C GLY B 147 -19.12 21.57 -4.31
N GLU B 148 -18.28 22.61 -4.36
CA GLU B 148 -17.36 22.89 -5.47
C GLU B 148 -16.24 21.89 -5.38
N THR B 149 -15.66 21.52 -6.51
CA THR B 149 -14.58 20.59 -6.50
C THR B 149 -13.22 21.30 -6.73
N GLN B 150 -13.24 22.54 -7.21
CA GLN B 150 -12.02 23.26 -7.52
C GLN B 150 -11.12 23.24 -6.32
N ASP B 151 -9.88 22.80 -6.52
CA ASP B 151 -8.93 22.77 -5.41
C ASP B 151 -9.40 21.97 -4.20
N THR B 152 -9.92 20.77 -4.45
CA THR B 152 -10.28 19.87 -3.37
C THR B 152 -9.68 18.54 -3.69
N SER B 153 -9.60 17.71 -2.66
CA SER B 153 -9.17 16.34 -2.78
C SER B 153 -9.82 15.65 -1.61
N THR B 154 -9.54 14.39 -1.41
CA THR B 154 -10.13 13.65 -0.31
C THR B 154 -8.98 13.15 0.59
N ALA B 155 -9.30 12.48 1.69
CA ALA B 155 -8.24 12.08 2.62
C ALA B 155 -7.47 10.98 1.93
N ARG B 156 -8.25 10.01 1.43
CA ARG B 156 -7.71 8.93 0.56
C ARG B 156 -6.79 9.47 -0.51
N ALA B 157 -7.33 10.23 -1.45
CA ALA B 157 -6.47 10.77 -2.53
C ALA B 157 -5.11 11.32 -2.01
N LEU B 158 -5.14 12.11 -0.94
CA LEU B 158 -4.00 12.92 -0.54
C LEU B 158 -2.94 12.15 0.23
N ALA B 159 -3.32 11.14 1.00
CA ALA B 159 -2.33 10.26 1.61
C ALA B 159 -1.63 9.50 0.51
N THR B 160 -2.43 8.94 -0.39
CA THR B 160 -1.94 8.07 -1.47
C THR B 160 -0.96 8.79 -2.38
N SER B 161 -1.24 10.04 -2.66
CA SER B 161 -0.32 10.85 -3.43
C SER B 161 0.95 11.08 -2.65
N LEU B 162 0.81 11.40 -1.36
CA LEU B 162 1.94 11.54 -0.46
C LEU B 162 2.75 10.25 -0.38
N GLN B 163 2.09 9.12 -0.16
CA GLN B 163 2.78 7.83 -0.14
C GLN B 163 3.56 7.57 -1.45
N ALA B 164 2.97 7.88 -2.62
CA ALA B 164 3.57 7.48 -3.88
C ALA B 164 4.87 8.22 -4.04
N PHE B 165 4.84 9.51 -3.72
CA PHE B 165 6.05 10.33 -3.71
C PHE B 165 7.03 9.92 -2.63
N ALA B 166 6.57 9.87 -1.38
CA ALA B 166 7.52 9.58 -0.29
C ALA B 166 8.10 8.13 -0.22
N LEU B 167 7.31 7.16 -0.65
CA LEU B 167 7.56 5.75 -0.28
C LEU B 167 7.45 4.71 -1.41
N GLU B 168 6.95 5.12 -2.59
CA GLU B 168 6.87 4.23 -3.74
C GLU B 168 8.02 4.49 -4.72
N ASP B 169 7.88 4.01 -5.95
CA ASP B 169 8.94 4.14 -6.99
C ASP B 169 8.84 5.40 -7.87
N LYS B 170 7.96 6.32 -7.49
CA LYS B 170 7.74 7.53 -8.26
C LYS B 170 8.96 8.47 -8.20
N LEU B 171 9.85 8.22 -7.23
CA LEU B 171 11.01 9.07 -7.00
C LEU B 171 12.26 8.27 -6.61
N PRO B 172 13.45 8.66 -7.14
CA PRO B 172 14.69 7.98 -6.76
C PRO B 172 15.17 8.40 -5.38
N SER B 173 15.42 7.41 -4.52
CA SER B 173 16.14 7.56 -3.25
C SER B 173 16.50 9.01 -2.84
N GLU B 174 17.46 9.59 -3.55
CA GLU B 174 17.94 10.94 -3.24
C GLU B 174 16.75 11.90 -3.12
N LYS B 175 16.01 12.05 -4.21
CA LYS B 175 14.99 13.05 -4.32
C LYS B 175 13.96 12.86 -3.22
N ARG B 176 13.64 11.58 -2.96
CA ARG B 176 12.71 11.18 -1.92
C ARG B 176 13.18 11.45 -0.46
N GLU B 177 14.47 11.31 -0.17
CA GLU B 177 15.00 11.60 1.19
C GLU B 177 14.88 13.09 1.42
N LEU B 178 14.99 13.87 0.34
CA LEU B 178 14.73 15.32 0.42
C LEU B 178 13.33 15.66 0.89
N LEU B 179 12.33 15.14 0.17
CA LEU B 179 10.93 15.35 0.53
C LEU B 179 10.71 15.00 2.00
N ILE B 180 10.97 13.75 2.37
CA ILE B 180 10.86 13.24 3.75
C ILE B 180 11.45 14.23 4.75
N ASP B 181 12.63 14.74 4.40
CA ASP B 181 13.46 15.61 5.23
C ASP B 181 12.84 16.97 5.46
N TRP B 182 12.57 17.64 4.33
CA TRP B 182 11.87 18.89 4.35
C TRP B 182 10.68 18.69 5.29
N MET B 183 9.83 17.74 4.96
CA MET B 183 8.60 17.49 5.69
C MET B 183 8.84 17.06 7.13
N LYS B 184 9.92 16.29 7.38
CA LYS B 184 10.25 15.83 8.72
C LYS B 184 10.47 17.01 9.65
N ARG B 185 10.83 18.15 9.06
CA ARG B 185 11.29 19.35 9.76
C ARG B 185 10.39 20.58 9.57
N ASN B 186 9.12 20.32 9.24
CA ASN B 186 8.13 21.41 9.06
C ASN B 186 8.00 22.21 10.37
N THR B 187 7.70 23.49 10.27
CA THR B 187 7.64 24.33 11.48
C THR B 187 6.21 24.56 11.94
N THR B 188 5.26 24.20 11.07
CA THR B 188 3.86 24.65 11.11
C THR B 188 2.84 23.71 11.79
N GLY B 189 3.23 22.49 12.12
CA GLY B 189 2.23 21.52 12.56
C GLY B 189 2.40 20.98 13.97
N ASP B 190 3.10 21.73 14.81
CA ASP B 190 3.41 21.27 16.17
C ASP B 190 2.22 20.96 17.01
N ALA B 191 1.05 21.46 16.59
CA ALA B 191 -0.19 21.16 17.26
C ALA B 191 -1.11 20.22 16.44
N LEU B 192 -0.70 19.83 15.23
CA LEU B 192 -1.51 18.89 14.44
C LEU B 192 -1.08 17.45 14.67
N ILE B 193 -0.88 16.66 13.60
CA ILE B 193 -0.45 15.26 13.70
C ILE B 193 0.59 15.02 14.82
N ARG B 194 1.68 15.78 14.82
CA ARG B 194 2.80 15.63 15.79
C ARG B 194 2.44 15.61 17.26
N ALA B 195 1.40 16.33 17.63
CA ALA B 195 0.92 16.37 19.02
C ALA B 195 0.06 15.15 19.33
N GLY B 196 -0.22 14.32 18.33
CA GLY B 196 -1.13 13.17 18.50
C GLY B 196 -0.50 11.80 18.50
N VAL B 197 0.81 11.72 18.23
CA VAL B 197 1.57 10.47 18.29
C VAL B 197 2.39 10.43 19.59
N PRO B 198 2.65 9.20 20.13
CA PRO B 198 3.33 9.03 21.42
C PRO B 198 4.76 9.51 21.32
N GLU B 199 5.29 9.97 22.45
CA GLU B 199 6.60 10.63 22.56
C GLU B 199 7.65 9.93 21.71
N GLY B 200 8.33 10.69 20.87
CA GLY B 200 9.49 10.20 20.12
C GLY B 200 9.32 9.29 18.90
N TRP B 201 8.12 9.27 18.27
CA TRP B 201 7.95 8.75 16.90
C TRP B 201 8.17 9.87 15.89
N GLU B 202 9.02 9.64 14.89
CA GLU B 202 9.38 10.66 13.89
C GLU B 202 8.21 11.04 12.99
N VAL B 203 8.11 12.32 12.61
CA VAL B 203 6.94 12.75 11.84
C VAL B 203 7.30 13.67 10.70
N ALA B 204 6.84 13.33 9.51
CA ALA B 204 6.91 14.21 8.37
C ALA B 204 5.47 14.66 8.12
N ASP B 205 5.22 15.98 8.06
CA ASP B 205 3.87 16.52 7.80
C ASP B 205 3.84 17.82 6.99
N LYS B 206 2.70 18.03 6.32
CA LYS B 206 2.37 19.31 5.69
C LYS B 206 0.95 19.62 6.13
N THR B 207 0.73 20.87 6.56
CA THR B 207 -0.51 21.34 7.15
C THR B 207 -1.19 22.24 6.18
N GLY B 208 -2.46 22.52 6.43
CA GLY B 208 -3.16 23.56 5.70
C GLY B 208 -4.32 24.18 6.46
N ALA B 209 -4.63 25.43 6.04
CA ALA B 209 -5.77 26.19 6.47
C ALA B 209 -6.40 26.89 5.25
N GLY B 210 -7.74 26.95 5.21
CA GLY B 210 -8.49 27.62 4.14
C GLY B 210 -9.82 28.13 4.64
N SER B 211 -10.64 28.72 3.78
CA SER B 211 -11.95 29.20 4.20
C SER B 211 -12.82 28.07 4.74
N TYR B 212 -14.06 28.38 5.07
CA TYR B 212 -14.97 27.47 5.84
C TYR B 212 -14.34 26.66 7.00
N GLY B 213 -13.23 27.17 7.57
CA GLY B 213 -12.61 26.55 8.78
C GLY B 213 -11.88 25.23 8.47
N THR B 214 -11.29 25.18 7.29
CA THR B 214 -10.53 24.03 6.89
C THR B 214 -9.20 24.16 7.60
N ARG B 215 -8.81 23.04 8.23
CA ARG B 215 -7.54 22.85 8.90
C ARG B 215 -7.24 21.44 8.56
N ASN B 216 -6.08 21.24 7.92
CA ASN B 216 -5.65 19.96 7.36
C ASN B 216 -4.19 19.63 7.68
N ASP B 217 -3.92 18.33 7.78
CA ASP B 217 -2.61 17.81 8.02
C ASP B 217 -2.48 16.50 7.26
N ILE B 218 -1.34 16.34 6.57
CA ILE B 218 -1.01 15.09 5.85
C ILE B 218 0.41 14.68 6.21
N ALA B 219 0.57 13.42 6.62
CA ALA B 219 1.79 12.98 7.26
C ALA B 219 2.20 11.56 6.90
N ILE B 220 3.51 11.30 6.93
CA ILE B 220 4.02 9.96 7.24
C ILE B 220 4.69 10.03 8.59
N ILE B 221 4.49 8.96 9.36
CA ILE B 221 4.86 8.93 10.74
C ILE B 221 5.50 7.55 11.01
N TRP B 222 6.66 7.53 11.64
CA TRP B 222 7.29 6.25 11.95
C TRP B 222 7.22 6.02 13.47
N PRO B 223 6.88 4.79 13.91
CA PRO B 223 7.10 4.35 15.28
C PRO B 223 8.61 4.20 15.54
N PRO B 224 9.01 3.60 16.66
CA PRO B 224 10.42 3.22 16.79
C PRO B 224 10.62 1.95 16.01
N LYS B 225 9.73 0.98 16.23
CA LYS B 225 9.75 -0.27 15.49
C LYS B 225 8.59 -0.38 14.50
N GLY B 226 8.93 -0.23 13.23
CA GLY B 226 8.13 -0.82 12.15
C GLY B 226 8.04 -0.01 10.88
N ASP B 227 7.09 -0.39 10.03
CA ASP B 227 6.77 0.36 8.79
C ASP B 227 5.89 1.55 9.08
N PRO B 228 6.14 2.65 8.36
CA PRO B 228 5.39 3.86 8.59
C PRO B 228 3.90 3.79 8.20
N VAL B 229 3.15 4.64 8.88
CA VAL B 229 1.76 4.91 8.61
C VAL B 229 1.77 6.20 7.80
N VAL B 230 1.08 6.24 6.66
CA VAL B 230 0.81 7.50 5.98
C VAL B 230 -0.55 7.87 6.45
N LEU B 231 -0.86 9.16 6.44
CA LEU B 231 -2.16 9.59 6.89
C LEU B 231 -2.49 11.03 6.51
N ALA B 232 -3.75 11.22 6.10
CA ALA B 232 -4.36 12.54 5.96
C ALA B 232 -5.48 12.77 7.02
N VAL B 233 -5.51 13.96 7.56
CA VAL B 233 -6.55 14.30 8.46
C VAL B 233 -6.97 15.64 7.98
N LEU B 234 -8.26 15.75 7.63
CA LEU B 234 -8.78 16.98 7.08
C LEU B 234 -10.03 17.26 7.85
N SER B 235 -10.45 18.53 7.82
CA SER B 235 -11.61 18.94 8.55
C SER B 235 -12.10 20.22 7.99
N SER B 236 -13.40 20.48 8.16
CA SER B 236 -13.97 21.79 7.78
C SER B 236 -15.24 22.13 8.64
N ARG B 237 -15.77 23.34 8.48
CA ARG B 237 -17.02 23.74 9.16
C ARG B 237 -18.01 24.46 8.23
N ASP B 238 -19.28 24.59 8.62
CA ASP B 238 -20.22 25.19 7.69
C ASP B 238 -20.33 26.74 7.61
N LYS B 239 -19.57 27.46 8.42
CA LYS B 239 -19.55 28.92 8.32
C LYS B 239 -18.31 29.41 7.57
N LYS B 240 -18.51 30.24 6.53
CA LYS B 240 -17.38 30.67 5.69
C LYS B 240 -16.21 31.15 6.52
N ASP B 241 -16.51 32.02 7.47
CA ASP B 241 -15.54 32.72 8.31
C ASP B 241 -15.23 31.97 9.61
N ALA B 242 -15.78 30.76 9.75
CA ALA B 242 -15.54 29.85 10.87
C ALA B 242 -14.07 29.70 11.16
N LYS B 243 -13.76 29.50 12.43
CA LYS B 243 -12.37 29.38 12.84
C LYS B 243 -12.11 27.93 13.20
N TYR B 244 -10.85 27.52 13.15
CA TYR B 244 -10.48 26.12 13.38
C TYR B 244 -9.88 25.84 14.76
N ASP B 245 -10.04 24.61 15.25
CA ASP B 245 -9.24 24.22 16.39
C ASP B 245 -8.25 23.08 16.03
N ASP B 246 -6.94 23.40 15.96
CA ASP B 246 -5.91 22.40 15.77
C ASP B 246 -6.16 21.15 16.59
N LYS B 247 -6.72 21.35 17.77
CA LYS B 247 -6.92 20.25 18.69
C LYS B 247 -7.93 19.28 18.12
N LEU B 248 -8.66 19.68 17.08
CA LEU B 248 -9.41 18.70 16.31
C LEU B 248 -8.50 17.65 15.74
N ILE B 249 -7.40 18.07 15.12
CA ILE B 249 -6.48 17.14 14.41
C ILE B 249 -5.69 16.25 15.37
N ALA B 250 -5.00 16.87 16.30
CA ALA B 250 -4.27 16.15 17.36
C ALA B 250 -5.10 14.99 17.89
N GLU B 251 -6.34 15.31 18.28
CA GLU B 251 -7.24 14.32 18.83
C GLU B 251 -7.53 13.17 17.88
N ALA B 252 -7.88 13.53 16.63
CA ALA B 252 -8.13 12.60 15.54
C ALA B 252 -6.98 11.62 15.36
N THR B 253 -5.78 12.17 15.27
CA THR B 253 -4.59 11.39 15.19
C THR B 253 -4.49 10.38 16.30
N LYS B 254 -4.61 10.80 17.56
CA LYS B 254 -4.54 9.82 18.64
C LYS B 254 -5.57 8.71 18.41
N VAL B 255 -6.80 9.01 17.99
CA VAL B 255 -7.76 7.93 17.67
C VAL B 255 -7.22 7.07 16.51
N VAL B 256 -6.43 7.66 15.62
CA VAL B 256 -5.79 6.89 14.57
C VAL B 256 -4.71 5.98 15.15
N VAL B 257 -3.71 6.59 15.77
CA VAL B 257 -2.64 5.82 16.41
C VAL B 257 -3.16 4.64 17.21
N LYS B 258 -4.12 4.89 18.09
CA LYS B 258 -4.69 3.88 18.98
C LYS B 258 -5.27 2.77 18.14
N ALA B 259 -6.10 3.13 17.17
CA ALA B 259 -6.69 2.12 16.28
C ALA B 259 -5.62 1.23 15.63
N LEU B 260 -4.52 1.83 15.21
CA LEU B 260 -3.44 1.07 14.60
C LEU B 260 -2.54 0.48 15.67
#